data_8T69
#
_entry.id   8T69
#
_cell.length_a   1.00
_cell.length_b   1.00
_cell.length_c   1.00
_cell.angle_alpha   90.00
_cell.angle_beta   90.00
_cell.angle_gamma   90.00
#
_symmetry.space_group_name_H-M   'P 1'
#
loop_
_entity.id
_entity.type
_entity.pdbx_description
1 polymer 'Synaptic vesicular amine transporter'
2 non-polymer tetrabenazine
#
_entity_poly.entity_id   1
_entity_poly.type   'polypeptide(L)'
_entity_poly.pdbx_seq_one_letter_code
;RKLILFIVFLALLLDNMLLTVVVPIIPSYLYSIKHEKNATEIQTARPVHTASISDSFQSIFSYYDNSTMVTGNATRDLTL
HQTATQHMVTNASAVPSDCPSEDKDLLNENVQVGLLFASKATVQLITNPFIGLLTNRIGYPIPIFAGFCIMFVSTIMFAF
SSSYAFLLIARSLQGIGSSCSSVAGMGMLASVYTDDEERGNVMGIALGGLAMGVLVGPPFGSVLYEFVGKTAPFLVLAAL
VLLDGAIQLFVLQPSRVQPESQKGTPLTTLLKDPYILIAAGSICFANMGIAMLEPALPIWMMETMCSRKWQLGVAFLPAS
ISYLIGTNIFGILAHKMGRWLCALLGMIIVGVSILCIPFAKNIYGLIAPNFGVGFAIGMVDSSMMPIMGYLVDLRHVSVY
GSVYAIADVAFCMGYAIGPSAGGAIAKAIGFPWLMTIIGIIDILFAPLCFFLRSPPAKEEKMAILMDHNCPIKTKMYTQN
NIQSYPIGEDEESESD
;
_entity_poly.pdbx_strand_id   A
#
loop_
_chem_comp.id
_chem_comp.type
_chem_comp.name
_chem_comp.formula
YHL non-polymer tetrabenazine 'C19 H27 N O3'
#
# COMPACT_ATOMS: atom_id res chain seq x y z
N ARG A 1 1.65 -12.56 -20.57
CA ARG A 1 1.00 -11.45 -19.88
C ARG A 1 0.27 -11.94 -18.64
N LYS A 2 -0.35 -13.13 -18.73
CA LYS A 2 -0.98 -13.73 -17.56
C LYS A 2 0.03 -13.98 -16.44
N LEU A 3 1.19 -14.52 -16.80
CA LEU A 3 2.19 -14.89 -15.79
C LEU A 3 2.83 -13.67 -15.15
N ILE A 4 3.00 -12.59 -15.90
CA ILE A 4 3.49 -11.35 -15.29
C ILE A 4 2.47 -10.81 -14.29
N LEU A 5 1.19 -10.84 -14.64
CA LEU A 5 0.16 -10.41 -13.70
C LEU A 5 0.13 -11.28 -12.46
N PHE A 6 0.25 -12.60 -12.64
CA PHE A 6 0.29 -13.50 -11.48
C PHE A 6 1.51 -13.22 -10.61
N ILE A 7 2.66 -12.96 -11.23
CA ILE A 7 3.87 -12.64 -10.47
C ILE A 7 3.69 -11.36 -9.67
N VAL A 8 3.10 -10.34 -10.28
CA VAL A 8 2.89 -9.08 -9.57
C VAL A 8 1.89 -9.27 -8.42
N PHE A 9 0.80 -9.99 -8.70
CA PHE A 9 -0.17 -10.32 -7.66
C PHE A 9 0.49 -11.02 -6.48
N LEU A 10 1.27 -12.06 -6.77
CA LEU A 10 1.92 -12.85 -5.72
C LEU A 10 2.95 -12.02 -4.96
N ALA A 11 3.70 -11.19 -5.67
CA ALA A 11 4.69 -10.33 -5.03
C ALA A 11 4.02 -9.39 -4.04
N LEU A 12 2.96 -8.69 -4.49
CA LEU A 12 2.24 -7.79 -3.58
C LEU A 12 1.60 -8.55 -2.43
N LEU A 13 1.06 -9.74 -2.71
CA LEU A 13 0.41 -10.53 -1.68
C LEU A 13 1.38 -10.93 -0.58
N LEU A 14 2.52 -11.49 -0.96
CA LEU A 14 3.50 -11.89 0.04
C LEU A 14 4.16 -10.68 0.70
N ASP A 15 4.30 -9.58 -0.03
CA ASP A 15 4.81 -8.34 0.55
C ASP A 15 3.93 -7.88 1.70
N ASN A 16 2.62 -7.75 1.45
CA ASN A 16 1.73 -7.25 2.49
C ASN A 16 1.38 -8.32 3.52
N MET A 17 1.62 -9.60 3.23
CA MET A 17 1.48 -10.63 4.24
C MET A 17 2.65 -10.62 5.21
N LEU A 18 3.87 -10.42 4.70
CA LEU A 18 5.01 -10.18 5.59
C LEU A 18 4.84 -8.87 6.34
N LEU A 19 4.20 -7.88 5.71
CA LEU A 19 3.93 -6.61 6.37
C LEU A 19 3.06 -6.76 7.61
N THR A 20 2.11 -7.69 7.59
CA THR A 20 1.08 -7.75 8.62
C THR A 20 1.14 -8.98 9.51
N VAL A 21 1.89 -10.02 9.13
CA VAL A 21 1.98 -11.21 9.96
C VAL A 21 2.54 -10.88 11.33
N VAL A 22 3.32 -9.80 11.43
CA VAL A 22 3.95 -9.42 12.69
C VAL A 22 2.95 -8.84 13.69
N VAL A 23 1.72 -8.53 13.26
CA VAL A 23 0.76 -7.86 14.16
C VAL A 23 0.52 -8.65 15.45
N PRO A 24 0.24 -9.95 15.44
CA PRO A 24 0.06 -10.68 16.70
C PRO A 24 1.34 -10.77 17.53
N ILE A 25 2.49 -10.56 16.92
CA ILE A 25 3.78 -10.69 17.62
C ILE A 25 4.23 -9.37 18.21
N ILE A 26 3.84 -8.26 17.59
CA ILE A 26 4.31 -6.94 18.02
C ILE A 26 4.13 -6.69 19.52
N PRO A 27 2.96 -6.96 20.13
CA PRO A 27 2.82 -6.66 21.57
C PRO A 27 3.88 -7.28 22.46
N SER A 28 4.33 -8.50 22.15
CA SER A 28 5.35 -9.13 22.97
C SER A 28 6.70 -8.43 22.88
N TYR A 29 6.91 -7.59 21.87
CA TYR A 29 8.17 -6.88 21.71
C TYR A 29 8.20 -5.53 22.40
N LEU A 30 7.04 -5.00 22.79
CA LEU A 30 6.99 -3.74 23.53
C LEU A 30 6.39 -3.88 24.91
N TYR A 31 5.96 -5.08 25.31
CA TYR A 31 5.53 -5.34 26.68
C TYR A 31 6.45 -6.37 27.34
N ASP A 105 -9.66 6.82 26.54
CA ASP A 105 -10.16 7.01 25.18
C ASP A 105 -9.97 5.76 24.35
N LEU A 106 -10.79 5.63 23.31
CA LEU A 106 -10.68 4.47 22.42
C LEU A 106 -9.36 4.48 21.66
N LEU A 107 -8.98 5.64 21.12
CA LEU A 107 -7.81 5.76 20.27
C LEU A 107 -6.75 6.62 20.95
N ASN A 108 -5.54 6.08 21.07
CA ASN A 108 -4.40 6.82 21.60
C ASN A 108 -3.15 6.41 20.83
N GLU A 109 -2.39 7.40 20.38
CA GLU A 109 -1.22 7.13 19.55
C GLU A 109 -0.11 6.46 20.36
N ASN A 110 0.62 5.56 19.71
CA ASN A 110 1.71 4.82 20.34
C ASN A 110 2.99 5.13 19.59
N VAL A 111 4.03 5.52 20.32
CA VAL A 111 5.30 5.89 19.69
C VAL A 111 6.00 4.66 19.11
N GLN A 112 6.07 3.58 19.88
CA GLN A 112 6.83 2.42 19.42
C GLN A 112 6.14 1.69 18.27
N VAL A 113 4.80 1.66 18.28
CA VAL A 113 4.08 1.15 17.11
C VAL A 113 4.18 2.13 15.95
N GLY A 114 4.15 3.43 16.24
CA GLY A 114 4.31 4.42 15.19
C GLY A 114 5.63 4.29 14.46
N LEU A 115 6.70 3.98 15.18
CA LEU A 115 8.00 3.77 14.54
C LEU A 115 8.00 2.53 13.65
N LEU A 116 7.35 1.44 14.10
CA LEU A 116 7.24 0.26 13.27
C LEU A 116 6.45 0.54 12.00
N PHE A 117 5.44 1.41 12.09
CA PHE A 117 4.68 1.79 10.90
C PHE A 117 5.48 2.72 10.00
N ALA A 118 6.25 3.63 10.58
CA ALA A 118 6.90 4.67 9.80
C ALA A 118 8.22 4.23 9.18
N SER A 119 8.91 3.25 9.76
CA SER A 119 10.22 2.86 9.24
C SER A 119 10.12 2.32 7.82
N LYS A 120 9.28 1.30 7.62
CA LYS A 120 9.14 0.72 6.29
C LYS A 120 8.65 1.76 5.30
N ALA A 121 7.70 2.59 5.70
CA ALA A 121 7.11 3.56 4.78
C ALA A 121 8.10 4.65 4.40
N THR A 122 8.92 5.12 5.34
CA THR A 122 9.89 6.16 5.07
C THR A 122 11.15 5.63 4.40
N VAL A 123 11.35 4.31 4.40
CA VAL A 123 12.43 3.78 3.58
C VAL A 123 11.92 3.48 2.16
N GLN A 124 10.68 3.03 2.03
CA GLN A 124 10.10 2.78 0.71
C GLN A 124 9.88 4.07 -0.05
N LEU A 125 9.45 5.14 0.63
CA LEU A 125 9.28 6.43 -0.02
C LEU A 125 10.60 6.96 -0.54
N ILE A 126 11.67 6.82 0.25
CA ILE A 126 12.98 7.27 -0.21
C ILE A 126 13.48 6.44 -1.37
N THR A 127 13.20 5.13 -1.34
CA THR A 127 13.72 4.25 -2.39
C THR A 127 12.97 4.42 -3.70
N ASN A 128 11.69 4.81 -3.64
CA ASN A 128 10.83 4.80 -4.83
C ASN A 128 11.38 5.57 -6.03
N PRO A 129 11.84 6.82 -5.90
CA PRO A 129 12.33 7.53 -7.11
C PRO A 129 13.49 6.83 -7.79
N PHE A 130 14.41 6.24 -7.01
CA PHE A 130 15.56 5.58 -7.62
C PHE A 130 15.14 4.37 -8.45
N ILE A 131 14.14 3.62 -7.98
CA ILE A 131 13.64 2.48 -8.75
C ILE A 131 12.97 2.97 -10.03
N GLY A 132 12.29 4.12 -9.98
CA GLY A 132 11.76 4.69 -11.20
C GLY A 132 12.84 5.07 -12.19
N LEU A 133 13.93 5.65 -11.69
CA LEU A 133 15.07 5.92 -12.55
C LEU A 133 15.80 4.65 -12.95
N LEU A 134 15.88 3.68 -12.04
CA LEU A 134 16.64 2.46 -12.32
C LEU A 134 16.00 1.64 -13.44
N THR A 135 14.67 1.49 -13.43
CA THR A 135 14.01 0.64 -14.41
C THR A 135 14.18 1.16 -15.83
N ASN A 136 14.46 2.45 -16.00
CA ASN A 136 14.81 2.97 -17.32
C ASN A 136 16.16 2.43 -17.78
N ARG A 137 17.12 2.32 -16.86
CA ARG A 137 18.47 1.91 -17.23
C ARG A 137 18.55 0.42 -17.55
N ILE A 138 17.90 -0.43 -16.75
CA ILE A 138 18.12 -1.87 -16.82
C ILE A 138 16.83 -2.66 -17.03
N GLY A 139 15.67 -2.01 -17.09
CA GLY A 139 14.44 -2.72 -17.25
C GLY A 139 13.86 -3.22 -15.94
N TYR A 140 12.67 -3.79 -16.04
CA TYR A 140 11.85 -4.20 -14.90
C TYR A 140 12.21 -5.52 -14.21
N PRO A 141 12.60 -6.59 -14.92
CA PRO A 141 12.76 -7.88 -14.23
C PRO A 141 13.79 -7.88 -13.11
N ILE A 142 14.91 -7.18 -13.29
CA ILE A 142 15.98 -7.17 -12.28
C ILE A 142 15.51 -6.51 -10.98
N PRO A 143 14.86 -5.34 -11.00
CA PRO A 143 14.33 -4.80 -9.74
C PRO A 143 13.29 -5.70 -9.07
N ILE A 144 12.46 -6.39 -9.86
CA ILE A 144 11.49 -7.31 -9.27
C ILE A 144 12.20 -8.45 -8.55
N PHE A 145 13.24 -9.00 -9.18
CA PHE A 145 13.98 -10.09 -8.54
C PHE A 145 14.72 -9.59 -7.30
N ALA A 146 15.24 -8.36 -7.35
CA ALA A 146 15.86 -7.78 -6.16
C ALA A 146 14.84 -7.58 -5.04
N GLY A 147 13.61 -7.19 -5.40
CA GLY A 147 12.56 -7.12 -4.40
C GLY A 147 12.31 -8.46 -3.75
N PHE A 148 12.27 -9.53 -4.55
CA PHE A 148 12.13 -10.88 -3.99
C PHE A 148 13.28 -11.19 -3.03
N CYS A 149 14.51 -10.88 -3.45
CA CYS A 149 15.68 -11.20 -2.63
C CYS A 149 15.61 -10.48 -1.28
N ILE A 150 15.30 -9.18 -1.33
CA ILE A 150 15.22 -8.39 -0.10
C ILE A 150 14.07 -8.89 0.78
N MET A 151 12.96 -9.29 0.16
CA MET A 151 11.84 -9.85 0.93
C MET A 151 12.25 -11.13 1.65
N PHE A 152 12.96 -12.02 0.96
CA PHE A 152 13.40 -13.27 1.59
C PHE A 152 14.37 -12.99 2.74
N VAL A 153 15.32 -12.08 2.52
CA VAL A 153 16.29 -11.76 3.57
C VAL A 153 15.58 -11.16 4.79
N SER A 154 14.63 -10.26 4.56
CA SER A 154 13.88 -9.67 5.66
C SER A 154 13.07 -10.73 6.40
N THR A 155 12.43 -11.64 5.66
CA THR A 155 11.65 -12.70 6.30
C THR A 155 12.52 -13.58 7.17
N ILE A 156 13.73 -13.91 6.70
CA ILE A 156 14.66 -14.70 7.51
C ILE A 156 15.08 -13.92 8.75
N MET A 157 15.33 -12.62 8.60
CA MET A 157 15.77 -11.81 9.73
C MET A 157 14.68 -11.70 10.80
N PHE A 158 13.41 -11.68 10.41
CA PHE A 158 12.32 -11.62 11.38
C PHE A 158 12.32 -12.84 12.29
N ALA A 159 12.52 -14.03 11.71
CA ALA A 159 12.42 -15.27 12.46
C ALA A 159 13.46 -15.39 13.57
N PHE A 160 14.52 -14.57 13.52
CA PHE A 160 15.55 -14.61 14.55
C PHE A 160 15.80 -13.24 15.19
N SER A 161 14.89 -12.28 15.02
CA SER A 161 15.02 -10.97 15.65
C SER A 161 14.52 -11.05 17.08
N SER A 162 15.45 -11.10 18.03
CA SER A 162 15.12 -11.14 19.44
C SER A 162 15.01 -9.75 20.07
N SER A 163 14.97 -8.69 19.27
CA SER A 163 14.99 -7.34 19.81
C SER A 163 14.12 -6.42 18.96
N TYR A 164 13.71 -5.31 19.57
CA TYR A 164 12.87 -4.33 18.89
C TYR A 164 13.64 -3.57 17.80
N ALA A 165 14.90 -3.24 18.06
CA ALA A 165 15.70 -2.49 17.09
C ALA A 165 15.94 -3.28 15.81
N PHE A 166 16.12 -4.60 15.91
CA PHE A 166 16.25 -5.39 14.70
C PHE A 166 14.91 -5.61 14.03
N LEU A 167 13.80 -5.52 14.77
CA LEU A 167 12.50 -5.40 14.12
C LEU A 167 12.46 -4.16 13.23
N LEU A 168 12.95 -3.03 13.75
CA LEU A 168 12.99 -1.82 12.93
C LEU A 168 13.90 -2.01 11.71
N ILE A 169 15.05 -2.66 11.90
CA ILE A 169 15.98 -2.88 10.79
C ILE A 169 15.32 -3.73 9.70
N ALA A 170 14.64 -4.82 10.11
CA ALA A 170 13.96 -5.66 9.15
C ALA A 170 12.80 -4.93 8.47
N ARG A 171 12.14 -4.02 9.19
CA ARG A 171 11.10 -3.20 8.55
C ARG A 171 11.67 -2.30 7.48
N SER A 172 12.85 -1.71 7.74
CA SER A 172 13.50 -0.88 6.72
C SER A 172 13.88 -1.71 5.49
N LEU A 173 14.43 -2.91 5.71
CA LEU A 173 14.74 -3.77 4.57
C LEU A 173 13.48 -4.12 3.79
N GLN A 174 12.40 -4.47 4.50
CA GLN A 174 11.14 -4.74 3.82
C GLN A 174 10.63 -3.52 3.07
N GLY A 175 10.94 -2.33 3.56
CA GLY A 175 10.60 -1.12 2.82
C GLY A 175 11.33 -1.02 1.50
N ILE A 176 12.63 -1.33 1.51
CA ILE A 176 13.40 -1.34 0.26
C ILE A 176 12.79 -2.35 -0.72
N GLY A 177 12.51 -3.57 -0.22
CA GLY A 177 11.96 -4.59 -1.10
C GLY A 177 10.59 -4.23 -1.64
N SER A 178 9.74 -3.64 -0.81
CA SER A 178 8.44 -3.19 -1.26
C SER A 178 8.56 -2.11 -2.32
N SER A 179 9.48 -1.15 -2.12
CA SER A 179 9.72 -0.15 -3.15
C SER A 179 10.06 -0.81 -4.47
N CYS A 180 10.99 -1.77 -4.44
CA CYS A 180 11.38 -2.43 -5.69
C CYS A 180 10.19 -3.13 -6.35
N SER A 181 9.47 -3.96 -5.60
CA SER A 181 8.47 -4.85 -6.17
C SER A 181 7.10 -4.18 -6.27
N SER A 182 7.01 -2.91 -5.93
CA SER A 182 5.80 -2.15 -6.14
C SER A 182 5.96 -1.04 -7.17
N VAL A 183 7.18 -0.59 -7.42
CA VAL A 183 7.42 0.29 -8.55
C VAL A 183 7.60 -0.50 -9.84
N ALA A 184 8.51 -1.49 -9.84
CA ALA A 184 8.79 -2.18 -11.09
C ALA A 184 7.67 -3.12 -11.51
N GLY A 185 6.87 -3.62 -10.57
CA GLY A 185 5.77 -4.50 -10.92
C GLY A 185 4.62 -3.75 -11.57
N MET A 186 4.30 -2.57 -11.03
CA MET A 186 3.28 -1.74 -11.66
C MET A 186 3.76 -1.17 -12.99
N GLY A 187 5.05 -0.81 -13.08
CA GLY A 187 5.59 -0.39 -14.35
C GLY A 187 5.51 -1.48 -15.41
N MET A 188 5.82 -2.71 -15.02
CA MET A 188 5.74 -3.82 -15.97
C MET A 188 4.30 -4.14 -16.34
N LEU A 189 3.38 -4.02 -15.39
CA LEU A 189 1.96 -4.17 -15.72
C LEU A 189 1.52 -3.12 -16.73
N ALA A 190 1.94 -1.87 -16.54
CA ALA A 190 1.56 -0.80 -17.47
C ALA A 190 2.17 -1.03 -18.86
N SER A 191 3.43 -1.48 -18.91
CA SER A 191 4.08 -1.67 -20.20
C SER A 191 3.60 -2.91 -20.92
N VAL A 192 3.20 -3.95 -20.20
CA VAL A 192 2.74 -5.18 -20.83
C VAL A 192 1.29 -5.07 -21.28
N TYR A 193 0.46 -4.35 -20.54
CA TYR A 193 -0.94 -4.13 -20.88
C TYR A 193 -1.09 -2.67 -21.31
N THR A 194 -0.85 -2.42 -22.60
CA THR A 194 -0.88 -1.06 -23.11
C THR A 194 -2.29 -0.55 -23.36
N ASP A 195 -3.27 -1.45 -23.42
CA ASP A 195 -4.66 -1.02 -23.53
C ASP A 195 -5.11 -0.40 -22.22
N ASP A 196 -5.92 0.65 -22.32
CA ASP A 196 -6.39 1.37 -21.14
C ASP A 196 -7.32 0.51 -20.27
N GLU A 197 -8.30 -0.14 -20.90
CA GLU A 197 -9.26 -0.95 -20.17
C GLU A 197 -8.60 -2.23 -19.62
N GLU A 198 -7.74 -2.85 -20.44
CA GLU A 198 -6.96 -3.99 -19.97
C GLU A 198 -6.13 -3.60 -18.76
N ARG A 199 -5.46 -2.45 -18.83
CA ARG A 199 -4.63 -1.99 -17.72
C ARG A 199 -5.47 -1.77 -16.47
N GLY A 200 -6.66 -1.20 -16.62
CA GLY A 200 -7.51 -0.99 -15.45
C GLY A 200 -7.88 -2.30 -14.78
N ASN A 201 -8.35 -3.26 -15.57
CA ASN A 201 -8.74 -4.56 -15.01
C ASN A 201 -7.56 -5.26 -14.34
N VAL A 202 -6.42 -5.27 -15.02
CA VAL A 202 -5.24 -5.96 -14.52
C VAL A 202 -4.75 -5.33 -13.22
N MET A 203 -4.70 -4.00 -13.17
CA MET A 203 -4.25 -3.32 -11.96
C MET A 203 -5.24 -3.50 -10.81
N GLY A 204 -6.54 -3.55 -11.11
CA GLY A 204 -7.50 -3.89 -10.07
C GLY A 204 -7.22 -5.25 -9.46
N ILE A 205 -6.93 -6.24 -10.30
CA ILE A 205 -6.56 -7.56 -9.77
C ILE A 205 -5.29 -7.48 -8.94
N ALA A 206 -4.29 -6.75 -9.43
CA ALA A 206 -3.01 -6.65 -8.72
C ALA A 206 -3.20 -6.03 -7.33
N LEU A 207 -4.01 -4.97 -7.24
CA LEU A 207 -4.29 -4.37 -5.93
C LEU A 207 -5.14 -5.28 -5.06
N GLY A 208 -6.03 -6.08 -5.66
CA GLY A 208 -6.69 -7.13 -4.90
C GLY A 208 -5.71 -8.09 -4.29
N GLY A 209 -4.56 -8.27 -4.92
CA GLY A 209 -3.50 -9.07 -4.31
C GLY A 209 -2.98 -8.48 -3.01
N LEU A 210 -2.73 -7.17 -2.99
CA LEU A 210 -2.36 -6.48 -1.76
C LEU A 210 -3.43 -6.66 -0.70
N ALA A 211 -4.70 -6.51 -1.11
CA ALA A 211 -5.79 -6.68 -0.15
C ALA A 211 -5.82 -8.09 0.42
N MET A 212 -5.59 -9.10 -0.42
CA MET A 212 -5.57 -10.48 0.06
C MET A 212 -4.41 -10.73 1.01
N GLY A 213 -3.24 -10.15 0.71
CA GLY A 213 -2.11 -10.28 1.62
C GLY A 213 -2.42 -9.71 2.99
N VAL A 214 -2.99 -8.50 3.03
CA VAL A 214 -3.36 -7.90 4.31
C VAL A 214 -4.42 -8.74 5.01
N LEU A 215 -5.36 -9.32 4.26
CA LEU A 215 -6.37 -10.17 4.85
C LEU A 215 -5.76 -11.39 5.52
N VAL A 216 -4.88 -12.10 4.79
CA VAL A 216 -4.37 -13.38 5.26
C VAL A 216 -3.36 -13.21 6.39
N GLY A 217 -2.59 -12.12 6.37
CA GLY A 217 -1.47 -11.96 7.28
C GLY A 217 -1.72 -12.24 8.75
N PRO A 218 -2.51 -11.38 9.41
CA PRO A 218 -2.65 -11.47 10.88
C PRO A 218 -3.25 -12.78 11.36
N PRO A 219 -4.30 -13.33 10.72
CA PRO A 219 -4.83 -14.61 11.22
C PRO A 219 -3.84 -15.76 11.10
N PHE A 220 -3.15 -15.84 9.97
CA PHE A 220 -2.08 -16.83 9.80
C PHE A 220 -1.02 -16.67 10.87
N GLY A 221 -0.61 -15.43 11.12
CA GLY A 221 0.37 -15.18 12.17
C GLY A 221 -0.11 -15.62 13.54
N SER A 222 -1.36 -15.32 13.88
CA SER A 222 -1.88 -15.72 15.18
C SER A 222 -1.93 -17.24 15.32
N VAL A 223 -2.46 -17.92 14.30
CA VAL A 223 -2.62 -19.37 14.39
C VAL A 223 -1.26 -20.05 14.51
N LEU A 224 -0.32 -19.70 13.64
CA LEU A 224 0.99 -20.35 13.70
C LEU A 224 1.80 -19.91 14.91
N TYR A 225 1.64 -18.67 15.36
CA TYR A 225 2.37 -18.19 16.53
C TYR A 225 1.92 -18.91 17.79
N GLU A 226 0.61 -19.14 17.93
CA GLU A 226 0.15 -19.75 19.17
C GLU A 226 0.20 -21.28 19.13
N PHE A 227 -0.21 -21.89 18.02
CA PHE A 227 -0.37 -23.35 18.00
C PHE A 227 0.84 -24.10 17.44
N VAL A 228 1.84 -23.42 16.91
CA VAL A 228 3.00 -24.12 16.35
C VAL A 228 4.27 -23.66 17.04
N GLY A 229 4.49 -22.35 17.08
CA GLY A 229 5.69 -21.81 17.69
C GLY A 229 5.95 -20.39 17.23
N LYS A 230 6.91 -19.76 17.91
CA LYS A 230 7.22 -18.35 17.65
C LYS A 230 7.78 -18.14 16.24
N THR A 231 8.61 -19.07 15.76
CA THR A 231 9.30 -18.91 14.48
C THR A 231 8.54 -19.51 13.30
N ALA A 232 7.51 -20.32 13.56
CA ALA A 232 6.84 -21.05 12.49
C ALA A 232 6.24 -20.15 11.41
N PRO A 233 5.49 -19.09 11.71
CA PRO A 233 4.94 -18.27 10.62
C PRO A 233 5.98 -17.69 9.70
N PHE A 234 7.13 -17.27 10.24
CA PHE A 234 8.15 -16.66 9.40
C PHE A 234 8.88 -17.69 8.56
N LEU A 235 9.11 -18.90 9.08
CA LEU A 235 9.70 -19.95 8.26
C LEU A 235 8.75 -20.38 7.14
N VAL A 236 7.46 -20.54 7.44
CA VAL A 236 6.51 -20.90 6.39
C VAL A 236 6.42 -19.80 5.35
N LEU A 237 6.42 -18.54 5.79
CA LEU A 237 6.42 -17.43 4.86
C LEU A 237 7.69 -17.39 4.02
N ALA A 238 8.84 -17.75 4.59
CA ALA A 238 10.07 -17.82 3.81
C ALA A 238 9.97 -18.90 2.74
N ALA A 239 9.37 -20.05 3.06
CA ALA A 239 9.16 -21.07 2.03
C ALA A 239 8.26 -20.56 0.91
N LEU A 240 7.19 -19.85 1.27
CA LEU A 240 6.32 -19.26 0.25
C LEU A 240 7.06 -18.25 -0.61
N VAL A 241 7.90 -17.42 0.01
CA VAL A 241 8.68 -16.44 -0.73
C VAL A 241 9.69 -17.13 -1.65
N LEU A 242 10.25 -18.26 -1.22
CA LEU A 242 11.13 -19.03 -2.09
C LEU A 242 10.37 -19.57 -3.30
N LEU A 243 9.13 -20.02 -3.11
CA LEU A 243 8.32 -20.43 -4.24
C LEU A 243 8.09 -19.26 -5.21
N ASP A 244 7.78 -18.08 -4.65
CA ASP A 244 7.62 -16.89 -5.48
C ASP A 244 8.88 -16.58 -6.28
N GLY A 245 10.04 -16.67 -5.61
CA GLY A 245 11.30 -16.43 -6.29
C GLY A 245 11.57 -17.42 -7.40
N ALA A 246 11.23 -18.69 -7.19
CA ALA A 246 11.40 -19.68 -8.25
C ALA A 246 10.51 -19.36 -9.44
N ILE A 247 9.27 -18.95 -9.19
CA ILE A 247 8.38 -18.56 -10.28
C ILE A 247 8.97 -17.38 -11.06
N GLN A 248 9.47 -16.38 -10.34
CA GLN A 248 10.10 -15.24 -11.00
C GLN A 248 11.32 -15.66 -11.80
N LEU A 249 12.13 -16.56 -11.25
CA LEU A 249 13.30 -17.06 -11.96
C LEU A 249 12.89 -17.71 -13.28
N PHE A 250 11.91 -18.60 -13.24
CA PHE A 250 11.55 -19.33 -14.44
C PHE A 250 10.82 -18.45 -15.46
N VAL A 251 10.05 -17.46 -15.02
CA VAL A 251 9.31 -16.63 -15.97
C VAL A 251 10.16 -15.46 -16.47
N LEU A 252 10.61 -14.59 -15.56
CA LEU A 252 11.24 -13.34 -15.98
C LEU A 252 12.66 -13.54 -16.50
N GLN A 253 13.40 -14.48 -15.93
CA GLN A 253 14.79 -14.73 -16.32
C GLN A 253 15.60 -13.43 -16.34
N PRO A 254 15.88 -12.84 -15.17
CA PRO A 254 16.41 -11.48 -15.13
C PRO A 254 17.91 -11.37 -15.37
N SER A 255 18.58 -12.41 -15.87
CA SER A 255 20.04 -12.40 -15.93
C SER A 255 20.60 -11.30 -16.83
N ARG A 256 19.82 -10.81 -17.78
CA ARG A 256 20.32 -9.87 -18.79
C ARG A 256 19.75 -8.47 -18.55
N VAL A 257 20.61 -7.46 -18.64
CA VAL A 257 20.18 -6.08 -18.57
C VAL A 257 19.46 -5.70 -19.86
N GLN A 258 18.25 -5.16 -19.72
CA GLN A 258 17.37 -4.84 -20.85
C GLN A 258 16.87 -3.41 -20.70
N PRO A 259 17.65 -2.42 -21.14
CA PRO A 259 17.23 -1.02 -21.00
C PRO A 259 15.95 -0.73 -21.75
N GLU A 260 15.26 0.32 -21.29
CA GLU A 260 14.05 0.78 -21.97
C GLU A 260 14.36 1.21 -23.39
N SER A 261 13.36 1.08 -24.26
CA SER A 261 13.53 1.45 -25.66
C SER A 261 13.77 2.94 -25.85
N GLN A 262 13.31 3.78 -24.93
CA GLN A 262 13.51 5.22 -25.05
C GLN A 262 13.67 5.83 -23.66
N LYS A 263 14.31 6.99 -23.62
CA LYS A 263 14.51 7.70 -22.35
C LYS A 263 13.19 8.29 -21.87
N GLY A 264 12.82 7.96 -20.64
CA GLY A 264 11.57 8.46 -20.09
C GLY A 264 11.64 9.94 -19.75
N THR A 265 10.46 10.51 -19.53
CA THR A 265 10.38 11.90 -19.11
C THR A 265 11.01 12.06 -17.73
N PRO A 266 11.83 13.08 -17.52
CA PRO A 266 12.48 13.25 -16.21
C PRO A 266 11.48 13.46 -15.08
N LEU A 267 11.87 13.04 -13.89
CA LEU A 267 10.98 13.11 -12.73
C LEU A 267 10.55 14.53 -12.44
N THR A 268 11.47 15.49 -12.61
CA THR A 268 11.14 16.89 -12.33
C THR A 268 10.08 17.43 -13.28
N THR A 269 10.08 16.98 -14.53
CA THR A 269 9.07 17.43 -15.49
C THR A 269 7.71 16.80 -15.19
N LEU A 270 7.69 15.53 -14.81
CA LEU A 270 6.44 14.89 -14.43
C LEU A 270 5.82 15.55 -13.21
N LEU A 271 6.65 15.95 -12.24
CA LEU A 271 6.16 16.60 -11.04
C LEU A 271 5.64 18.01 -11.30
N LYS A 272 5.96 18.61 -12.45
CA LYS A 272 5.39 19.89 -12.85
C LYS A 272 4.07 19.74 -13.60
N ASP A 273 3.60 18.52 -13.82
CA ASP A 273 2.34 18.29 -14.51
C ASP A 273 1.19 18.33 -13.51
N PRO A 274 0.23 19.24 -13.65
CA PRO A 274 -0.83 19.35 -12.63
C PRO A 274 -1.72 18.13 -12.53
N TYR A 275 -1.98 17.40 -13.62
CA TYR A 275 -2.92 16.29 -13.57
C TYR A 275 -2.32 15.07 -12.87
N ILE A 276 -1.04 14.80 -13.10
CA ILE A 276 -0.34 13.79 -12.32
C ILE A 276 -0.34 14.17 -10.85
N LEU A 277 -0.21 15.46 -10.56
CA LEU A 277 -0.31 15.93 -9.18
C LEU A 277 -1.69 15.67 -8.60
N ILE A 278 -2.74 15.89 -9.38
CA ILE A 278 -4.10 15.63 -8.89
C ILE A 278 -4.26 14.15 -8.56
N ALA A 279 -3.82 13.28 -9.47
CA ALA A 279 -3.94 11.84 -9.22
C ALA A 279 -3.12 11.42 -8.00
N ALA A 280 -1.89 11.90 -7.90
CA ALA A 280 -1.04 11.55 -6.77
C ALA A 280 -1.60 12.07 -5.45
N GLY A 281 -2.18 13.28 -5.46
CA GLY A 281 -2.81 13.79 -4.26
C GLY A 281 -4.03 12.98 -3.85
N SER A 282 -4.85 12.59 -4.83
CA SER A 282 -6.00 11.74 -4.53
C SER A 282 -5.56 10.41 -3.95
N ILE A 283 -4.48 9.84 -4.47
CA ILE A 283 -3.93 8.61 -3.90
C ILE A 283 -3.43 8.86 -2.49
N CYS A 284 -2.74 9.98 -2.27
CA CYS A 284 -2.10 10.26 -0.99
C CYS A 284 -3.13 10.50 0.11
N PHE A 285 -4.08 11.41 -0.15
CA PHE A 285 -5.00 11.83 0.90
C PHE A 285 -5.94 10.70 1.31
N ALA A 286 -6.25 9.80 0.38
CA ALA A 286 -7.12 8.67 0.70
C ALA A 286 -6.51 7.80 1.81
N ASN A 287 -5.19 7.72 1.88
CA ASN A 287 -4.53 6.86 2.85
C ASN A 287 -4.24 7.53 4.18
N MET A 288 -4.38 8.86 4.27
CA MET A 288 -3.96 9.57 5.48
C MET A 288 -4.75 9.14 6.71
N GLY A 289 -6.09 9.05 6.58
CA GLY A 289 -6.90 8.75 7.74
C GLY A 289 -6.64 7.38 8.32
N ILE A 290 -6.58 6.37 7.46
CA ILE A 290 -6.29 5.01 7.92
C ILE A 290 -4.85 4.89 8.39
N ALA A 291 -3.95 5.65 7.77
CA ALA A 291 -2.56 5.64 8.23
C ALA A 291 -2.42 6.22 9.63
N MET A 292 -3.23 7.20 9.97
CA MET A 292 -3.21 7.76 11.32
C MET A 292 -4.09 6.99 12.30
N LEU A 293 -5.02 6.18 11.80
CA LEU A 293 -5.91 5.43 12.68
C LEU A 293 -5.23 4.18 13.23
N GLU A 294 -4.62 3.39 12.35
CA GLU A 294 -4.17 2.05 12.75
C GLU A 294 -3.14 2.04 13.87
N PRO A 295 -2.10 2.89 13.90
CA PRO A 295 -1.18 2.87 15.05
C PRO A 295 -1.83 3.26 16.37
N ALA A 296 -3.02 3.86 16.34
CA ALA A 296 -3.70 4.31 17.55
C ALA A 296 -4.74 3.33 18.07
N LEU A 297 -4.92 2.18 17.41
CA LEU A 297 -5.98 1.25 17.78
C LEU A 297 -5.81 0.76 19.21
N PRO A 298 -6.91 0.42 19.88
CA PRO A 298 -6.80 -0.12 21.25
C PRO A 298 -6.20 -1.51 21.31
N ILE A 299 -6.06 -2.21 20.17
CA ILE A 299 -5.53 -3.57 20.18
C ILE A 299 -4.09 -3.63 20.66
N TRP A 300 -3.35 -2.50 20.58
CA TRP A 300 -1.99 -2.48 21.07
C TRP A 300 -1.89 -2.38 22.58
N MET A 301 -3.00 -2.10 23.27
CA MET A 301 -2.98 -2.03 24.73
C MET A 301 -2.85 -3.42 25.32
N MET A 302 -2.25 -3.47 26.51
CA MET A 302 -1.80 -4.75 27.08
C MET A 302 -2.96 -5.68 27.38
N GLU A 303 -4.18 -5.15 27.61
CA GLU A 303 -5.32 -6.01 27.88
C GLU A 303 -5.60 -6.93 26.69
N THR A 304 -5.28 -6.51 25.47
CA THR A 304 -5.43 -7.37 24.31
C THR A 304 -4.40 -8.49 24.35
N MET A 305 -3.15 -8.17 24.68
CA MET A 305 -2.12 -9.20 24.79
C MET A 305 -2.43 -10.20 25.90
N CYS A 306 -2.93 -9.69 27.03
CA CYS A 306 -3.18 -10.58 28.17
C CYS A 306 -4.45 -11.40 28.01
N SER A 307 -5.53 -10.80 27.53
CA SER A 307 -6.82 -11.49 27.50
C SER A 307 -7.44 -11.60 26.11
N ARG A 308 -7.46 -10.48 25.38
CA ARG A 308 -8.24 -10.28 24.16
C ARG A 308 -7.47 -10.60 22.88
N LYS A 309 -6.56 -11.59 22.90
CA LYS A 309 -5.58 -11.78 21.84
C LYS A 309 -6.20 -11.84 20.45
N TRP A 310 -7.40 -12.42 20.33
CA TRP A 310 -8.00 -12.65 19.00
C TRP A 310 -8.21 -11.36 18.22
N GLN A 311 -8.38 -10.23 18.90
CA GLN A 311 -8.56 -8.96 18.21
C GLN A 311 -7.34 -8.57 17.39
N LEU A 312 -6.15 -9.00 17.78
CA LEU A 312 -4.96 -8.72 16.98
C LEU A 312 -5.06 -9.35 15.60
N GLY A 313 -5.74 -10.49 15.49
CA GLY A 313 -5.97 -11.11 14.20
C GLY A 313 -7.18 -10.52 13.48
N VAL A 314 -8.24 -10.25 14.23
CA VAL A 314 -9.49 -9.82 13.62
C VAL A 314 -9.44 -8.37 13.11
N ALA A 315 -8.67 -7.48 13.78
CA ALA A 315 -8.86 -6.04 13.63
C ALA A 315 -8.68 -5.53 12.20
N PHE A 316 -7.94 -6.23 11.36
CA PHE A 316 -7.70 -5.76 9.99
C PHE A 316 -8.53 -6.50 8.94
N LEU A 317 -9.40 -7.41 9.36
CA LEU A 317 -10.29 -8.09 8.41
C LEU A 317 -11.24 -7.14 7.69
N PRO A 318 -11.93 -6.20 8.35
CA PRO A 318 -12.92 -5.39 7.61
C PRO A 318 -12.32 -4.60 6.45
N ALA A 319 -11.24 -3.86 6.71
CA ALA A 319 -10.64 -3.05 5.66
C ALA A 319 -10.08 -3.91 4.54
N SER A 320 -9.53 -5.08 4.87
CA SER A 320 -9.00 -5.97 3.85
C SER A 320 -10.10 -6.49 2.94
N ILE A 321 -11.19 -7.00 3.54
CA ILE A 321 -12.30 -7.52 2.75
C ILE A 321 -12.87 -6.43 1.85
N SER A 322 -13.13 -5.25 2.44
CA SER A 322 -13.76 -4.18 1.68
C SER A 322 -12.85 -3.67 0.57
N TYR A 323 -11.55 -3.54 0.85
CA TYR A 323 -10.60 -3.12 -0.18
C TYR A 323 -10.53 -4.13 -1.30
N LEU A 324 -10.53 -5.43 -0.96
CA LEU A 324 -10.51 -6.47 -1.98
C LEU A 324 -11.72 -6.36 -2.90
N ILE A 325 -12.92 -6.26 -2.30
CA ILE A 325 -14.14 -6.17 -3.11
C ILE A 325 -14.13 -4.91 -3.96
N GLY A 326 -13.79 -3.78 -3.34
CA GLY A 326 -13.78 -2.52 -4.07
C GLY A 326 -12.83 -2.53 -5.24
N THR A 327 -11.60 -3.01 -5.03
CA THR A 327 -10.65 -3.06 -6.12
C THR A 327 -11.12 -4.01 -7.22
N ASN A 328 -11.61 -5.20 -6.86
CA ASN A 328 -12.02 -6.16 -7.87
C ASN A 328 -13.17 -5.62 -8.72
N ILE A 329 -14.17 -5.00 -8.09
CA ILE A 329 -15.30 -4.50 -8.88
C ILE A 329 -14.92 -3.25 -9.65
N PHE A 330 -14.17 -2.33 -9.02
CA PHE A 330 -13.98 -1.02 -9.64
C PHE A 330 -12.83 -0.97 -10.62
N GLY A 331 -11.92 -1.95 -10.63
CA GLY A 331 -11.00 -2.05 -11.75
C GLY A 331 -11.77 -2.19 -13.06
N ILE A 332 -12.86 -2.95 -13.04
CA ILE A 332 -13.75 -3.04 -14.19
C ILE A 332 -14.60 -1.77 -14.32
N LEU A 333 -15.24 -1.36 -13.23
CA LEU A 333 -16.30 -0.36 -13.32
C LEU A 333 -15.79 1.06 -13.57
N ALA A 334 -14.55 1.37 -13.17
CA ALA A 334 -14.08 2.75 -13.23
C ALA A 334 -13.98 3.25 -14.67
N HIS A 335 -13.70 2.36 -15.62
CA HIS A 335 -13.61 2.80 -17.00
C HIS A 335 -14.99 3.13 -17.57
N LYS A 336 -16.01 2.35 -17.22
CA LYS A 336 -17.36 2.65 -17.70
C LYS A 336 -17.92 3.89 -17.01
N MET A 337 -17.80 3.95 -15.69
CA MET A 337 -18.31 5.10 -14.95
C MET A 337 -17.47 6.35 -15.22
N GLY A 338 -16.17 6.18 -15.39
CA GLY A 338 -15.26 7.30 -15.52
C GLY A 338 -14.38 7.37 -14.29
N ARG A 339 -13.06 7.23 -14.49
CA ARG A 339 -12.15 7.15 -13.36
C ARG A 339 -12.12 8.44 -12.56
N TRP A 340 -12.39 9.58 -13.20
CA TRP A 340 -12.53 10.82 -12.43
C TRP A 340 -13.70 10.74 -11.47
N LEU A 341 -14.84 10.23 -11.94
CA LEU A 341 -16.02 10.11 -11.07
C LEU A 341 -15.82 9.04 -10.02
N CYS A 342 -15.15 7.94 -10.39
CA CYS A 342 -14.86 6.89 -9.43
C CYS A 342 -13.96 7.40 -8.32
N ALA A 343 -12.93 8.17 -8.67
CA ALA A 343 -12.05 8.72 -7.65
C ALA A 343 -12.75 9.77 -6.80
N LEU A 344 -13.60 10.59 -7.42
CA LEU A 344 -14.34 11.60 -6.67
C LEU A 344 -15.26 10.94 -5.64
N LEU A 345 -16.02 9.92 -6.07
CA LEU A 345 -16.88 9.20 -5.14
C LEU A 345 -16.07 8.49 -4.06
N GLY A 346 -14.94 7.88 -4.44
CA GLY A 346 -14.11 7.22 -3.45
C GLY A 346 -13.59 8.19 -2.39
N MET A 347 -13.14 9.37 -2.82
CA MET A 347 -12.67 10.37 -1.87
C MET A 347 -13.80 10.84 -0.96
N ILE A 348 -14.99 11.05 -1.51
CA ILE A 348 -16.12 11.47 -0.67
C ILE A 348 -16.45 10.41 0.36
N ILE A 349 -16.45 9.13 -0.06
CA ILE A 349 -16.78 8.06 0.87
C ILE A 349 -15.71 7.91 1.94
N VAL A 350 -14.42 8.07 1.58
CA VAL A 350 -13.36 8.03 2.58
C VAL A 350 -13.56 9.15 3.60
N GLY A 351 -13.80 10.37 3.11
CA GLY A 351 -14.00 11.49 4.01
C GLY A 351 -15.18 11.30 4.93
N VAL A 352 -16.29 10.77 4.41
CA VAL A 352 -17.47 10.58 5.25
C VAL A 352 -17.24 9.46 6.27
N SER A 353 -16.61 8.36 5.85
CA SER A 353 -16.48 7.21 6.73
C SER A 353 -15.53 7.46 7.88
N ILE A 354 -14.47 8.24 7.67
CA ILE A 354 -13.58 8.56 8.79
C ILE A 354 -14.14 9.68 9.67
N LEU A 355 -15.06 10.49 9.14
CA LEU A 355 -15.79 11.42 9.98
C LEU A 355 -16.69 10.69 10.98
N CYS A 356 -17.04 9.44 10.70
CA CYS A 356 -17.85 8.64 11.61
C CYS A 356 -17.03 7.96 12.70
N ILE A 357 -15.71 7.97 12.58
CA ILE A 357 -14.82 7.36 13.57
C ILE A 357 -14.93 8.07 14.92
N PRO A 358 -14.92 9.42 14.99
CA PRO A 358 -15.04 10.09 16.30
C PRO A 358 -16.28 9.70 17.08
N PHE A 359 -17.27 9.10 16.40
CA PHE A 359 -18.49 8.67 17.07
C PHE A 359 -18.31 7.37 17.84
N ALA A 360 -17.29 6.58 17.52
CA ALA A 360 -17.15 5.26 18.12
C ALA A 360 -16.73 5.37 19.58
N LYS A 361 -17.48 4.69 20.46
CA LYS A 361 -17.10 4.50 21.84
C LYS A 361 -16.77 3.04 22.15
N ASN A 362 -16.63 2.22 21.11
CA ASN A 362 -16.38 0.80 21.24
C ASN A 362 -15.50 0.37 20.08
N ILE A 363 -14.71 -0.68 20.30
CA ILE A 363 -13.89 -1.22 19.23
C ILE A 363 -14.77 -1.79 18.12
N TYR A 364 -15.93 -2.33 18.48
CA TYR A 364 -16.90 -2.78 17.48
C TYR A 364 -17.48 -1.62 16.69
N GLY A 365 -17.47 -0.41 17.26
CA GLY A 365 -17.91 0.75 16.52
C GLY A 365 -17.02 1.11 15.35
N LEU A 366 -15.78 0.62 15.34
CA LEU A 366 -14.85 0.89 14.24
C LEU A 366 -15.05 -0.03 13.05
N ILE A 367 -15.87 -1.08 13.17
CA ILE A 367 -15.97 -2.09 12.12
C ILE A 367 -16.56 -1.50 10.84
N ALA A 368 -17.72 -0.86 10.96
CA ALA A 368 -18.37 -0.25 9.79
C ALA A 368 -17.56 0.88 9.17
N PRO A 369 -17.04 1.85 9.94
CA PRO A 369 -16.16 2.85 9.30
C PRO A 369 -14.93 2.23 8.66
N ASN A 370 -14.34 1.19 9.26
CA ASN A 370 -13.19 0.54 8.62
C ASN A 370 -13.59 -0.11 7.30
N PHE A 371 -14.76 -0.74 7.26
CA PHE A 371 -15.23 -1.35 6.02
C PHE A 371 -15.45 -0.30 4.95
N GLY A 372 -16.11 0.80 5.30
CA GLY A 372 -16.31 1.87 4.33
C GLY A 372 -15.01 2.46 3.84
N VAL A 373 -14.05 2.66 4.75
CA VAL A 373 -12.76 3.22 4.39
C VAL A 373 -12.02 2.29 3.43
N GLY A 374 -11.98 1.00 3.75
CA GLY A 374 -11.31 0.07 2.86
C GLY A 374 -11.94 0.02 1.48
N PHE A 375 -13.27 -0.03 1.43
CA PHE A 375 -13.97 -0.06 0.15
C PHE A 375 -13.63 1.17 -0.68
N ALA A 376 -13.74 2.36 -0.09
CA ALA A 376 -13.52 3.58 -0.85
C ALA A 376 -12.05 3.77 -1.22
N ILE A 377 -11.12 3.30 -0.38
CA ILE A 377 -9.70 3.39 -0.73
C ILE A 377 -9.38 2.48 -1.91
N GLY A 378 -9.94 1.27 -1.91
CA GLY A 378 -9.81 0.42 -3.09
C GLY A 378 -10.41 1.06 -4.32
N MET A 379 -11.55 1.73 -4.15
CA MET A 379 -12.18 2.44 -5.26
C MET A 379 -11.25 3.51 -5.84
N VAL A 380 -10.65 4.32 -4.96
CA VAL A 380 -9.75 5.38 -5.40
C VAL A 380 -8.52 4.79 -6.09
N ASP A 381 -7.93 3.76 -5.49
CA ASP A 381 -6.72 3.17 -6.07
C ASP A 381 -7.01 2.57 -7.46
N SER A 382 -8.09 1.81 -7.58
CA SER A 382 -8.46 1.23 -8.87
C SER A 382 -8.77 2.31 -9.90
N SER A 383 -9.25 3.47 -9.45
CA SER A 383 -9.46 4.56 -10.40
C SER A 383 -8.15 5.20 -10.84
N MET A 384 -7.23 5.42 -9.90
CA MET A 384 -6.11 6.32 -10.13
C MET A 384 -4.84 5.63 -10.63
N MET A 385 -4.60 4.37 -10.26
CA MET A 385 -3.40 3.70 -10.75
C MET A 385 -3.33 3.60 -12.27
N PRO A 386 -4.39 3.22 -12.99
CA PRO A 386 -4.29 3.21 -14.46
C PRO A 386 -4.10 4.58 -15.08
N ILE A 387 -4.67 5.64 -14.49
CA ILE A 387 -4.53 6.94 -15.13
C ILE A 387 -3.11 7.48 -14.99
N MET A 388 -2.30 6.94 -14.07
CA MET A 388 -0.90 7.33 -14.04
C MET A 388 -0.18 6.92 -15.33
N GLY A 389 -0.42 5.70 -15.80
CA GLY A 389 0.08 5.30 -17.10
C GLY A 389 -0.61 6.04 -18.25
N TYR A 390 -1.92 6.28 -18.12
CA TYR A 390 -2.65 6.97 -19.17
C TYR A 390 -2.11 8.38 -19.39
N LEU A 391 -1.79 9.08 -18.30
CA LEU A 391 -1.36 10.47 -18.42
C LEU A 391 0.01 10.59 -19.07
N VAL A 392 0.90 9.63 -18.86
CA VAL A 392 2.17 9.67 -19.57
C VAL A 392 2.01 9.22 -21.01
N ASP A 393 1.12 8.25 -21.28
CA ASP A 393 0.84 7.89 -22.66
C ASP A 393 0.26 9.08 -23.43
N LEU A 394 -0.49 9.92 -22.76
CA LEU A 394 -1.14 11.08 -23.40
C LEU A 394 -0.20 12.28 -23.50
N ARG A 395 0.24 12.82 -22.36
CA ARG A 395 0.92 14.09 -22.31
C ARG A 395 2.44 13.98 -22.32
N HIS A 396 3.00 12.78 -22.17
CA HIS A 396 4.44 12.64 -22.00
C HIS A 396 4.97 11.44 -22.80
N VAL A 397 6.20 11.03 -22.49
CA VAL A 397 6.82 9.88 -23.15
C VAL A 397 6.38 8.62 -22.42
N SER A 398 5.97 7.61 -23.20
CA SER A 398 5.32 6.43 -22.63
C SER A 398 6.32 5.51 -21.93
N VAL A 399 6.85 5.96 -20.81
CA VAL A 399 7.72 5.16 -19.96
C VAL A 399 7.19 5.26 -18.53
N TYR A 400 7.00 4.12 -17.87
CA TYR A 400 6.12 4.05 -16.72
C TYR A 400 6.81 3.97 -15.37
N GLY A 401 8.14 3.91 -15.32
CA GLY A 401 8.81 3.77 -14.04
C GLY A 401 8.60 4.94 -13.11
N SER A 402 8.77 6.16 -13.63
CA SER A 402 8.75 7.34 -12.76
C SER A 402 7.35 7.68 -12.28
N VAL A 403 6.33 7.48 -13.11
CA VAL A 403 4.98 7.79 -12.66
C VAL A 403 4.54 6.87 -11.54
N TYR A 404 4.92 5.59 -11.59
CA TYR A 404 4.57 4.70 -10.49
C TYR A 404 5.51 4.87 -9.30
N ALA A 405 6.71 5.39 -9.50
CA ALA A 405 7.49 5.87 -8.36
C ALA A 405 6.76 7.00 -7.65
N ILE A 406 6.19 7.93 -8.42
CA ILE A 406 5.39 9.01 -7.84
C ILE A 406 4.17 8.46 -7.11
N ALA A 407 3.46 7.52 -7.75
CA ALA A 407 2.25 6.95 -7.15
C ALA A 407 2.57 6.22 -5.85
N ASP A 408 3.68 5.48 -5.82
CA ASP A 408 4.05 4.78 -4.60
C ASP A 408 4.56 5.74 -3.53
N VAL A 409 5.21 6.84 -3.93
CA VAL A 409 5.55 7.88 -2.96
C VAL A 409 4.28 8.44 -2.33
N ALA A 410 3.27 8.71 -3.16
CA ALA A 410 2.00 9.22 -2.64
C ALA A 410 1.36 8.21 -1.68
N PHE A 411 1.39 6.93 -2.04
CA PHE A 411 0.82 5.90 -1.19
C PHE A 411 1.56 5.81 0.15
N CYS A 412 2.89 5.84 0.10
CA CYS A 412 3.69 5.64 1.30
C CYS A 412 3.74 6.88 2.18
N MET A 413 3.47 8.06 1.63
CA MET A 413 3.61 9.29 2.40
C MET A 413 2.69 9.31 3.60
N GLY A 414 1.47 8.78 3.46
CA GLY A 414 0.56 8.75 4.59
C GLY A 414 1.09 7.93 5.75
N TYR A 415 1.57 6.71 5.47
CA TYR A 415 2.08 5.87 6.53
C TYR A 415 3.45 6.33 7.03
N ALA A 416 4.16 7.15 6.25
CA ALA A 416 5.41 7.71 6.71
C ALA A 416 5.20 8.88 7.66
N ILE A 417 4.28 9.80 7.31
CA ILE A 417 4.12 11.03 8.07
C ILE A 417 3.10 10.86 9.20
N GLY A 418 1.95 10.25 8.90
CA GLY A 418 0.84 10.17 9.82
C GLY A 418 1.14 9.64 11.20
N PRO A 419 1.91 8.55 11.31
CA PRO A 419 2.25 8.05 12.65
C PRO A 419 2.93 9.08 13.55
N SER A 420 3.56 10.11 13.00
CA SER A 420 4.17 11.17 13.80
C SER A 420 3.30 12.42 13.83
N ALA A 421 2.90 12.91 12.66
CA ALA A 421 2.10 14.13 12.58
C ALA A 421 0.76 13.96 13.27
N GLY A 422 0.11 12.82 13.08
CA GLY A 422 -1.14 12.55 13.76
C GLY A 422 -0.99 12.52 15.28
N GLY A 423 0.11 11.93 15.76
CA GLY A 423 0.35 11.95 17.19
C GLY A 423 0.55 13.36 17.74
N ALA A 424 1.33 14.17 17.03
CA ALA A 424 1.54 15.54 17.47
C ALA A 424 0.24 16.35 17.43
N ILE A 425 -0.56 16.17 16.39
CA ILE A 425 -1.82 16.91 16.28
C ILE A 425 -2.82 16.44 17.32
N ALA A 426 -2.85 15.12 17.59
CA ALA A 426 -3.75 14.61 18.63
C ALA A 426 -3.34 15.09 20.01
N LYS A 427 -2.04 15.28 20.23
CA LYS A 427 -1.60 15.92 21.48
C LYS A 427 -2.03 17.38 21.52
N ALA A 428 -1.92 18.09 20.40
CA ALA A 428 -2.21 19.51 20.37
C ALA A 428 -3.71 19.77 20.54
N ILE A 429 -4.53 19.30 19.60
CA ILE A 429 -5.94 19.63 19.58
C ILE A 429 -6.82 18.45 20.00
N GLY A 430 -6.45 17.22 19.68
CA GLY A 430 -7.25 16.05 20.03
C GLY A 430 -7.46 15.14 18.84
N PHE A 431 -7.64 13.85 19.11
CA PHE A 431 -7.78 12.83 18.09
C PHE A 431 -9.10 12.90 17.34
N PRO A 432 -10.26 13.08 18.01
CA PRO A 432 -11.49 13.25 17.23
C PRO A 432 -11.44 14.44 16.27
N TRP A 433 -10.83 15.55 16.69
CA TRP A 433 -10.66 16.68 15.79
C TRP A 433 -9.69 16.34 14.67
N LEU A 434 -8.65 15.55 14.97
CA LEU A 434 -7.72 15.11 13.93
C LEU A 434 -8.47 14.35 12.83
N MET A 435 -9.25 13.35 13.22
CA MET A 435 -9.98 12.57 12.23
C MET A 435 -11.03 13.42 11.51
N THR A 436 -11.67 14.35 12.24
CA THR A 436 -12.63 15.25 11.61
C THR A 436 -11.96 16.09 10.52
N ILE A 437 -10.79 16.64 10.84
CA ILE A 437 -10.09 17.49 9.87
C ILE A 437 -9.62 16.66 8.68
N ILE A 438 -9.17 15.43 8.92
CA ILE A 438 -8.73 14.58 7.82
C ILE A 438 -9.90 14.25 6.89
N GLY A 439 -11.07 13.94 7.46
CA GLY A 439 -12.24 13.70 6.63
C GLY A 439 -12.69 14.93 5.88
N ILE A 440 -12.62 16.10 6.52
CA ILE A 440 -12.98 17.34 5.86
C ILE A 440 -12.03 17.61 4.69
N ILE A 441 -10.74 17.37 4.89
CA ILE A 441 -9.76 17.53 3.82
C ILE A 441 -10.07 16.59 2.66
N ASP A 442 -10.41 15.33 2.99
CA ASP A 442 -10.75 14.37 1.93
C ASP A 442 -11.97 14.81 1.15
N ILE A 443 -12.99 15.32 1.84
CA ILE A 443 -14.18 15.80 1.14
C ILE A 443 -13.85 17.02 0.27
N LEU A 444 -13.01 17.92 0.78
CA LEU A 444 -12.70 19.16 0.05
C LEU A 444 -11.81 18.89 -1.16
N PHE A 445 -10.97 17.85 -1.11
CA PHE A 445 -10.09 17.55 -2.23
C PHE A 445 -10.86 16.97 -3.41
N ALA A 446 -11.95 16.25 -3.14
CA ALA A 446 -12.64 15.48 -4.16
C ALA A 446 -13.00 16.27 -5.42
N PRO A 447 -13.47 17.52 -5.36
CA PRO A 447 -13.82 18.22 -6.62
C PRO A 447 -12.65 18.39 -7.57
N LEU A 448 -11.40 18.27 -7.10
CA LEU A 448 -10.25 18.38 -7.98
C LEU A 448 -10.17 17.26 -9.00
N CYS A 449 -10.82 16.11 -8.73
CA CYS A 449 -10.79 15.01 -9.69
C CYS A 449 -11.47 15.38 -11.00
N PHE A 450 -12.34 16.40 -10.98
CA PHE A 450 -13.00 16.83 -12.21
C PHE A 450 -12.03 17.26 -13.28
N PHE A 451 -10.84 17.74 -12.89
CA PHE A 451 -9.83 18.12 -13.88
C PHE A 451 -9.31 16.93 -14.67
N LEU A 452 -9.44 15.72 -14.12
CA LEU A 452 -8.98 14.51 -14.80
C LEU A 452 -9.98 14.00 -15.83
N ARG A 453 -11.13 14.66 -15.97
CA ARG A 453 -12.17 14.18 -16.88
C ARG A 453 -11.70 14.23 -18.33
N SER A 454 -11.02 15.32 -18.73
CA SER A 454 -10.56 15.49 -20.11
C SER A 454 -9.26 16.27 -20.12
N PRO A 455 -8.14 15.63 -19.76
CA PRO A 455 -6.84 16.31 -19.83
C PRO A 455 -6.42 16.51 -21.28
N PRO A 456 -5.74 17.62 -21.57
CA PRO A 456 -5.27 17.86 -22.94
C PRO A 456 -4.00 17.09 -23.25
N ALA A 457 -3.84 16.77 -24.54
CA ALA A 457 -2.72 15.99 -25.04
C ALA A 457 -1.51 16.88 -25.30
N LYS A 458 -0.46 16.28 -25.88
CA LYS A 458 0.73 17.01 -26.27
C LYS A 458 0.41 18.01 -27.38
N GLU A 459 1.26 19.03 -27.49
CA GLU A 459 1.13 20.00 -28.58
C GLU A 459 1.42 19.35 -29.92
C1 YHL B . -7.16 -0.66 3.49
C2 YHL B . -5.92 -1.37 2.97
C3 YHL B . -5.88 -2.81 3.47
C4 YHL B . -4.66 -0.61 3.33
C5 YHL B . -3.72 -1.27 4.36
C6 YHL B . -3.84 -0.63 5.74
C8 YHL B . -3.07 -2.57 7.11
C9 YHL B . -2.21 -2.93 8.30
C10 YHL B . -0.81 -2.37 8.25
C11 YHL B . 0.14 -2.81 9.16
C12 YHL B . 1.43 -2.31 9.16
C13 YHL B . 1.78 -1.34 8.20
C14 YHL B . 0.85 -0.90 7.28
C15 YHL B . -0.45 -1.41 7.30
C16 YHL B . -1.43 -0.91 6.27
C17 YHL B . -1.25 -1.60 4.90
C18 YHL B . -2.28 -1.11 3.92
C21 YHL B . 3.49 0.08 7.32
C23 YHL B . 2.10 -3.70 10.97
N7 YHL B . -2.84 -1.12 6.75
O19 YHL B . -1.97 -0.62 2.85
O20 YHL B . 3.08 -0.90 8.26
O22 YHL B . 2.42 -2.70 10.00
#